data_1ZVD
#
_entry.id   1ZVD
#
_cell.length_a   51.359
_cell.length_b   70.509
_cell.length_c   152.351
_cell.angle_alpha   90.00
_cell.angle_beta   90.00
_cell.angle_gamma   90.00
#
_symmetry.space_group_name_H-M   'P 21 21 21'
#
loop_
_entity.id
_entity.type
_entity.pdbx_description
1 polymer 'Smad ubiquitination regulatory factor 2'
2 non-polymer 'SODIUM ION'
3 non-polymer 'PHOSPHATE ION'
4 water water
#
_entity_poly.entity_id   1
_entity_poly.type   'polypeptide(L)'
_entity_poly.pdbx_seq_one_letter_code
;KRDLVQKLKILRQELSQQQPQAGHCRIEVSREEIFEESYRQV(MSE)K(MSE)RPKDLWKRL(MSE)IKFRGEEGLDYGG
VAREWLYLLSHE(MSE)LNPYYGLFQYSRDDIYTLQINPDSAVNPEHLSYFHFVGRI(MSE)G(MSE)AVFHGHYIDGGF
TLPFYKQLLGKSITLDD(MSE)ELVDPDLHNSLVWILENDITGVLDHTFCVEHNAYGEIIQHELKPNGKSIPVNEENKKE
YVRLYVNWRFLRGIEAQFLALQKGFNEVIPQHLLKTFDEKELELIICGLGKIDVNDWKVNTRLKHCTPDSNIVKWFWKAV
EFFDEERRARLLQFVTGSSRVPLQGFKALQGAAGPRLFTIHQIDACTNNLPKAHTCFNRIDIPPYESYEKLYEKLLTAIE
ETCGFAVE
;
_entity_poly.pdbx_strand_id   A
#
# COMPACT_ATOMS: atom_id res chain seq x y z
N LYS A 1 -13.02 -6.44 14.03
CA LYS A 1 -12.45 -5.13 13.58
C LYS A 1 -12.98 -3.93 14.43
N ARG A 2 -12.84 -4.05 15.76
CA ARG A 2 -13.56 -3.16 16.71
C ARG A 2 -12.67 -2.57 17.85
N ASP A 3 -11.76 -3.40 18.34
CA ASP A 3 -10.65 -3.02 19.19
C ASP A 3 -9.44 -2.51 18.41
N LEU A 4 -9.54 -2.41 17.08
CA LEU A 4 -8.42 -1.91 16.31
C LEU A 4 -8.22 -0.42 16.60
N VAL A 5 -9.32 0.28 16.78
CA VAL A 5 -9.31 1.71 17.15
C VAL A 5 -8.56 1.96 18.47
N GLN A 6 -8.84 1.09 19.42
CA GLN A 6 -8.19 1.16 20.72
C GLN A 6 -6.73 0.81 20.65
N LYS A 7 -6.35 -0.23 19.90
CA LYS A 7 -4.92 -0.49 19.62
C LYS A 7 -4.23 0.74 19.02
N LEU A 8 -4.91 1.39 18.08
CA LEU A 8 -4.34 2.50 17.33
C LEU A 8 -4.27 3.75 18.26
N LYS A 9 -5.26 3.94 19.13
CA LYS A 9 -5.16 5.00 20.16
C LYS A 9 -3.99 4.77 21.10
N ILE A 10 -3.80 3.54 21.58
CA ILE A 10 -2.59 3.19 22.39
C ILE A 10 -1.26 3.52 21.65
N LEU A 11 -1.15 3.08 20.40
CA LEU A 11 0.04 3.29 19.55
C LEU A 11 0.36 4.77 19.38
N ARG A 12 -0.63 5.56 18.96
N ARG A 12 -0.62 5.54 18.94
CA ARG A 12 -0.50 7.02 18.74
CA ARG A 12 -0.52 6.99 18.79
C ARG A 12 -0.30 7.86 20.03
C ARG A 12 -0.07 7.66 20.09
N GLN A 13 -0.80 7.35 21.17
CA GLN A 13 -0.40 7.82 22.52
C GLN A 13 1.09 7.56 22.78
N GLU A 14 1.56 6.32 22.62
CA GLU A 14 2.95 5.98 22.89
C GLU A 14 3.92 6.66 21.93
N LEU A 15 3.47 6.90 20.69
CA LEU A 15 4.31 7.60 19.72
C LEU A 15 4.40 9.09 20.06
N SER A 16 3.33 9.69 20.52
CA SER A 16 3.43 11.10 20.88
C SER A 16 4.42 11.30 22.06
N GLN A 17 4.59 10.27 22.89
CA GLN A 17 5.61 10.29 23.94
C GLN A 17 7.00 10.23 23.31
N GLN A 18 7.10 9.52 22.20
CA GLN A 18 8.34 9.43 21.46
C GLN A 18 8.82 10.79 20.86
N GLN A 19 7.89 11.64 20.45
CA GLN A 19 8.22 12.94 19.89
C GLN A 19 8.98 13.82 20.93
N PRO A 20 10.20 14.28 20.60
CA PRO A 20 10.86 15.29 21.44
C PRO A 20 10.04 16.60 21.58
N GLN A 21 10.17 17.22 22.75
CA GLN A 21 9.56 18.53 23.04
C GLN A 21 10.14 19.64 22.15
N ALA A 22 11.46 19.61 21.95
CA ALA A 22 12.17 20.64 21.16
C ALA A 22 12.63 20.13 19.77
N GLY A 23 12.96 21.08 18.88
CA GLY A 23 13.56 20.74 17.58
C GLY A 23 12.45 20.44 16.56
N HIS A 24 12.83 20.38 15.30
CA HIS A 24 11.91 20.14 14.22
C HIS A 24 12.65 19.26 13.26
N CYS A 25 11.89 18.48 12.50
CA CYS A 25 12.39 17.84 11.29
C CYS A 25 12.15 18.77 10.08
N ARG A 26 13.18 19.51 9.67
CA ARG A 26 13.06 20.48 8.61
C ARG A 26 13.31 19.84 7.25
N ILE A 27 12.46 20.14 6.28
CA ILE A 27 12.67 19.60 4.92
C ILE A 27 12.43 20.72 4.00
N GLU A 28 13.27 20.88 2.98
CA GLU A 28 13.01 21.90 1.98
C GLU A 28 13.30 21.31 0.59
N VAL A 29 12.29 21.18 -0.27
CA VAL A 29 12.42 20.41 -1.50
C VAL A 29 11.55 21.02 -2.60
N SER A 30 11.94 20.87 -3.86
CA SER A 30 10.99 21.34 -4.89
C SER A 30 9.86 20.33 -5.11
N ARG A 31 8.73 20.83 -5.57
CA ARG A 31 7.65 19.91 -5.89
C ARG A 31 8.02 19.02 -7.06
N GLU A 32 8.76 19.56 -8.00
CA GLU A 32 9.11 18.82 -9.22
C GLU A 32 10.12 17.72 -8.97
N GLU A 33 10.94 17.82 -7.92
CA GLU A 33 11.90 16.75 -7.61
C GLU A 33 11.69 16.22 -6.17
N ILE A 34 10.44 16.03 -5.78
CA ILE A 34 10.13 15.74 -4.37
C ILE A 34 10.77 14.42 -3.89
N PHE A 35 10.71 13.38 -4.73
CA PHE A 35 11.30 12.09 -4.42
C PHE A 35 12.79 12.17 -4.19
N GLU A 36 13.55 12.56 -5.20
CA GLU A 36 15.00 12.60 -5.02
C GLU A 36 15.47 13.57 -3.93
N GLU A 37 14.87 14.75 -3.84
CA GLU A 37 15.31 15.72 -2.83
C GLU A 37 14.92 15.36 -1.42
N SER A 38 13.75 14.75 -1.25
CA SER A 38 13.38 14.25 0.06
C SER A 38 14.31 13.13 0.48
N TYR A 39 14.63 12.25 -0.47
CA TYR A 39 15.55 11.18 -0.27
C TYR A 39 16.87 11.68 0.31
N ARG A 40 17.49 12.67 -0.33
CA ARG A 40 18.79 13.16 0.18
CA ARG A 40 18.78 13.21 0.14
C ARG A 40 18.70 13.76 1.59
N GLN A 41 17.67 14.53 1.87
CA GLN A 41 17.56 15.14 3.21
C GLN A 41 17.18 14.16 4.30
N VAL A 42 16.26 13.27 3.98
CA VAL A 42 15.80 12.34 4.97
C VAL A 42 16.91 11.33 5.33
N LYS A 44 20.03 11.88 5.49
CA LYS A 44 21.02 12.56 6.34
C LYS A 44 20.60 12.53 7.81
N ARG A 46 19.06 11.15 11.57
CA ARG A 46 19.15 9.99 12.50
C ARG A 46 17.72 9.59 12.82
N PRO A 47 17.49 8.34 13.22
CA PRO A 47 16.12 7.98 13.54
C PRO A 47 15.40 8.94 14.50
N LYS A 48 16.07 9.43 15.55
CA LYS A 48 15.54 10.45 16.48
C LYS A 48 14.95 11.71 15.82
N ASP A 49 15.64 12.18 14.76
CA ASP A 49 15.24 13.36 14.00
C ASP A 49 13.82 13.22 13.34
N LEU A 50 13.51 11.99 12.99
CA LEU A 50 12.29 11.65 12.21
C LEU A 50 11.03 11.74 13.07
N TRP A 51 11.22 11.73 14.39
CA TRP A 51 10.09 11.80 15.35
C TRP A 51 9.77 13.25 15.70
N LYS A 52 10.59 14.20 15.24
CA LYS A 52 10.39 15.64 15.59
C LYS A 52 9.28 16.23 14.80
N ARG A 53 8.70 17.30 15.34
CA ARG A 53 7.66 18.10 14.66
C ARG A 53 8.17 18.48 13.27
N LEU A 54 7.31 18.37 12.26
CA LEU A 54 7.68 18.62 10.89
C LEU A 54 7.70 20.11 10.54
N ILE A 56 8.19 22.07 7.11
CA ILE A 56 8.45 21.82 5.70
C ILE A 56 8.16 23.06 4.89
N LYS A 57 8.96 23.19 3.80
CA LYS A 57 8.87 24.27 2.86
C LYS A 57 9.07 23.73 1.44
N PHE A 58 8.23 24.11 0.48
CA PHE A 58 8.52 23.82 -0.92
C PHE A 58 9.47 24.89 -1.46
N ARG A 59 10.56 24.50 -2.12
CA ARG A 59 11.45 25.53 -2.75
C ARG A 59 10.71 26.55 -3.62
N GLY A 60 10.99 27.84 -3.34
CA GLY A 60 10.42 28.94 -4.07
C GLY A 60 9.04 29.32 -3.62
N GLU A 61 8.51 28.69 -2.57
CA GLU A 61 7.13 28.90 -2.15
C GLU A 61 7.05 29.27 -0.69
N GLU A 62 6.30 30.31 -0.40
CA GLU A 62 6.11 30.72 0.98
C GLU A 62 5.23 29.74 1.76
N GLY A 63 4.09 29.35 1.23
CA GLY A 63 3.32 28.34 1.93
C GLY A 63 2.30 28.96 2.86
N LEU A 64 1.06 28.47 2.76
CA LEU A 64 -0.05 29.10 3.52
C LEU A 64 0.08 28.92 5.04
N ASP A 65 0.65 27.78 5.44
CA ASP A 65 0.56 27.24 6.79
C ASP A 65 1.50 26.03 6.85
N TYR A 66 2.28 25.92 7.92
CA TYR A 66 3.23 24.80 8.01
C TYR A 66 2.57 23.41 8.05
N GLY A 67 1.45 23.31 8.75
CA GLY A 67 0.79 22.01 8.97
C GLY A 67 0.31 21.45 7.65
N GLY A 68 -0.20 22.35 6.83
CA GLY A 68 -0.76 22.10 5.53
C GLY A 68 0.33 21.80 4.52
N VAL A 69 1.48 22.49 4.61
CA VAL A 69 2.61 22.11 3.73
C VAL A 69 3.12 20.72 4.07
N ALA A 70 3.20 20.41 5.36
CA ALA A 70 3.68 19.12 5.81
C ALA A 70 2.78 17.95 5.33
N ARG A 71 1.46 18.12 5.41
CA ARG A 71 0.48 17.08 4.94
C ARG A 71 0.65 16.89 3.47
N GLU A 72 0.80 18.00 2.75
CA GLU A 72 0.96 17.99 1.35
C GLU A 72 2.25 17.31 0.98
N TRP A 73 3.35 17.63 1.66
CA TRP A 73 4.61 16.93 1.34
C TRP A 73 4.44 15.41 1.56
N LEU A 74 3.93 15.03 2.71
CA LEU A 74 3.76 13.61 3.00
C LEU A 74 2.85 12.92 1.96
N TYR A 75 1.73 13.55 1.63
CA TYR A 75 0.79 13.04 0.63
C TYR A 75 1.46 12.83 -0.71
N LEU A 76 2.08 13.90 -1.25
CA LEU A 76 2.73 13.83 -2.55
C LEU A 76 3.89 12.86 -2.63
N LEU A 77 4.81 12.90 -1.66
CA LEU A 77 5.95 12.01 -1.66
C LEU A 77 5.55 10.53 -1.54
N SER A 78 4.62 10.22 -0.63
CA SER A 78 4.24 8.82 -0.42
C SER A 78 3.49 8.29 -1.64
N HIS A 79 2.83 9.20 -2.34
CA HIS A 79 2.29 8.90 -3.62
C HIS A 79 3.36 8.58 -4.70
N GLU A 80 4.34 9.46 -4.92
CA GLU A 80 5.43 9.18 -5.86
C GLU A 80 6.25 7.90 -5.59
N LEU A 82 5.75 5.17 -4.45
CA LEU A 82 5.10 3.89 -4.72
C LEU A 82 4.88 3.67 -6.23
N ASN A 83 5.22 4.70 -7.02
CA ASN A 83 5.08 4.72 -8.46
C ASN A 83 6.18 3.86 -9.05
N PRO A 84 5.81 2.79 -9.80
CA PRO A 84 6.80 1.94 -10.52
C PRO A 84 7.89 2.65 -11.30
N TYR A 85 7.62 3.86 -11.79
CA TYR A 85 8.62 4.71 -12.44
C TYR A 85 9.95 4.85 -11.71
N TYR A 86 9.89 4.92 -10.38
CA TYR A 86 11.12 5.10 -9.56
C TYR A 86 11.85 3.79 -9.33
N GLY A 87 11.26 2.68 -9.75
CA GLY A 87 12.07 1.49 -9.81
C GLY A 87 12.09 0.62 -8.57
N LEU A 88 11.28 0.94 -7.57
CA LEU A 88 11.33 0.23 -6.29
C LEU A 88 10.18 -0.77 -6.27
N PHE A 89 9.04 -0.37 -6.83
CA PHE A 89 7.84 -1.18 -6.74
C PHE A 89 7.34 -1.38 -8.17
N GLN A 90 6.53 -2.41 -8.34
CA GLN A 90 5.87 -2.75 -9.60
C GLN A 90 4.50 -3.35 -9.25
N TYR A 91 3.60 -3.38 -10.21
CA TYR A 91 2.34 -4.12 -9.99
C TYR A 91 2.53 -5.52 -10.50
N SER A 92 1.93 -6.49 -9.83
CA SER A 92 2.04 -7.91 -10.24
C SER A 92 1.43 -8.19 -11.64
N ARG A 93 2.19 -8.93 -12.47
CA ARG A 93 1.69 -9.41 -13.78
C ARG A 93 0.47 -10.29 -13.50
N ASP A 94 0.46 -10.84 -12.30
CA ASP A 94 -0.58 -11.72 -11.78
C ASP A 94 -1.84 -10.94 -11.35
N ASP A 95 -1.69 -9.63 -11.18
CA ASP A 95 -2.72 -8.77 -10.59
C ASP A 95 -2.18 -7.32 -10.57
N ILE A 96 -2.76 -6.45 -11.40
CA ILE A 96 -2.31 -5.04 -11.46
C ILE A 96 -2.90 -4.14 -10.34
N TYR A 97 -3.27 -4.75 -9.22
CA TYR A 97 -3.68 -4.00 -8.00
C TYR A 97 -2.80 -4.28 -6.78
N THR A 98 -2.10 -5.40 -6.86
CA THR A 98 -1.18 -5.80 -5.83
C THR A 98 0.14 -5.10 -6.14
N LEU A 99 0.62 -4.33 -5.16
CA LEU A 99 1.96 -3.73 -5.24
C LEU A 99 3.02 -4.70 -4.72
N GLN A 100 4.13 -4.81 -5.43
CA GLN A 100 5.22 -5.64 -4.97
C GLN A 100 6.59 -4.99 -5.19
N ILE A 101 7.59 -5.47 -4.46
CA ILE A 101 8.93 -4.97 -4.60
C ILE A 101 9.42 -5.41 -5.99
N ASN A 102 10.05 -4.47 -6.70
CA ASN A 102 10.71 -4.77 -7.98
C ASN A 102 11.96 -5.67 -7.75
N PRO A 103 11.94 -6.95 -8.23
CA PRO A 103 13.14 -7.76 -7.98
C PRO A 103 14.43 -7.33 -8.72
N ASP A 104 14.29 -6.48 -9.74
CA ASP A 104 15.43 -5.97 -10.49
C ASP A 104 15.86 -4.58 -10.04
N SER A 105 15.43 -4.18 -8.86
CA SER A 105 15.72 -2.84 -8.38
C SER A 105 17.23 -2.57 -8.36
N ALA A 106 18.07 -3.62 -8.27
CA ALA A 106 19.54 -3.44 -8.21
C ALA A 106 20.18 -2.81 -9.45
N VAL A 107 19.40 -2.51 -10.48
CA VAL A 107 19.95 -1.80 -11.63
C VAL A 107 20.37 -0.39 -11.19
N ASN A 108 19.73 0.13 -10.12
CA ASN A 108 20.24 1.27 -9.37
C ASN A 108 21.09 0.71 -8.21
N PRO A 109 22.43 0.90 -8.25
CA PRO A 109 23.30 0.34 -7.23
C PRO A 109 23.03 0.82 -5.79
N GLU A 110 22.36 1.97 -5.65
CA GLU A 110 22.08 2.59 -4.37
C GLU A 110 20.66 2.17 -3.93
N HIS A 111 20.06 1.21 -4.65
CA HIS A 111 18.68 0.79 -4.42
C HIS A 111 18.34 0.54 -2.94
N LEU A 112 19.21 -0.12 -2.20
CA LEU A 112 18.88 -0.45 -0.80
C LEU A 112 18.65 0.78 0.10
N SER A 113 19.46 1.80 -0.11
CA SER A 113 19.30 3.12 0.49
C SER A 113 17.92 3.75 0.15
N TYR A 114 17.42 3.56 -1.08
CA TYR A 114 16.09 4.05 -1.42
C TYR A 114 14.98 3.23 -0.74
N PHE A 115 15.19 1.93 -0.55
CA PHE A 115 14.22 1.08 0.21
C PHE A 115 14.16 1.48 1.66
N HIS A 116 15.30 1.85 2.20
CA HIS A 116 15.43 2.28 3.59
C HIS A 116 14.68 3.63 3.75
N PHE A 117 14.93 4.53 2.81
CA PHE A 117 14.21 5.80 2.73
C PHE A 117 12.66 5.59 2.66
N VAL A 118 12.17 4.74 1.74
CA VAL A 118 10.72 4.48 1.67
C VAL A 118 10.18 3.92 3.02
N GLY A 119 10.90 2.98 3.64
CA GLY A 119 10.55 2.52 4.96
C GLY A 119 10.34 3.66 5.93
N ARG A 120 11.29 4.60 5.95
CA ARG A 120 11.18 5.74 6.85
C ARG A 120 9.96 6.55 6.53
N ILE A 121 9.71 6.78 5.24
CA ILE A 121 8.55 7.56 4.89
C ILE A 121 7.25 6.87 5.33
N GLY A 123 6.95 4.83 7.78
CA GLY A 123 6.90 4.99 9.22
C GLY A 123 6.36 6.36 9.61
N ALA A 125 4.51 8.30 7.89
CA ALA A 125 3.06 8.40 7.54
C ALA A 125 2.21 7.80 8.68
N VAL A 126 2.52 6.59 9.17
CA VAL A 126 1.82 6.05 10.35
C VAL A 126 1.94 7.02 11.61
N PHE A 127 3.16 7.49 11.84
CA PHE A 127 3.46 8.45 12.94
C PHE A 127 2.58 9.69 12.83
N HIS A 128 2.40 10.24 11.63
CA HIS A 128 1.55 11.43 11.53
C HIS A 128 0.05 11.15 11.11
N GLY A 129 -0.38 9.90 11.14
CA GLY A 129 -1.80 9.59 10.81
C GLY A 129 -2.21 9.69 9.36
N HIS A 130 -1.27 9.50 8.44
CA HIS A 130 -1.55 9.62 7.01
C HIS A 130 -1.64 8.16 6.45
N TYR A 131 -2.54 7.91 5.52
CA TYR A 131 -2.75 6.61 4.89
C TYR A 131 -2.03 6.64 3.57
N ILE A 132 -1.23 5.64 3.27
CA ILE A 132 -0.54 5.61 1.97
C ILE A 132 -1.44 4.80 1.05
N ASP A 133 -1.34 4.93 -0.29
CA ASP A 133 -2.20 4.15 -1.17
C ASP A 133 -1.45 2.90 -1.36
N GLY A 134 -1.51 1.98 -0.40
CA GLY A 134 -0.51 0.91 -0.31
C GLY A 134 -1.06 -0.40 -0.85
N GLY A 135 -0.54 -0.89 -1.95
CA GLY A 135 -1.13 -2.20 -2.38
C GLY A 135 -0.48 -3.52 -1.98
N PHE A 136 0.32 -3.54 -0.92
CA PHE A 136 1.11 -4.75 -0.58
C PHE A 136 0.27 -5.94 -0.10
N THR A 137 0.82 -7.15 -0.20
CA THR A 137 0.11 -8.40 0.20
C THR A 137 0.13 -8.53 1.71
N LEU A 138 -0.76 -9.34 2.31
CA LEU A 138 -0.75 -9.55 3.78
C LEU A 138 0.53 -10.11 4.32
N PRO A 139 1.16 -11.09 3.62
CA PRO A 139 2.47 -11.55 4.13
C PRO A 139 3.60 -10.50 4.24
N PHE A 140 3.58 -9.49 3.36
CA PHE A 140 4.43 -8.30 3.44
C PHE A 140 4.30 -7.64 4.83
N TYR A 141 3.09 -7.34 5.26
CA TYR A 141 2.85 -6.75 6.60
C TYR A 141 3.24 -7.64 7.75
N LYS A 142 3.09 -8.96 7.57
CA LYS A 142 3.46 -9.82 8.69
C LYS A 142 4.96 -9.90 8.80
N GLN A 143 5.63 -9.77 7.66
CA GLN A 143 7.08 -9.61 7.62
C GLN A 143 7.54 -8.31 8.30
N LEU A 144 6.81 -7.21 8.06
CA LEU A 144 7.01 -5.93 8.80
C LEU A 144 6.79 -6.03 10.33
N LEU A 145 5.98 -6.99 10.78
CA LEU A 145 5.77 -7.16 12.19
C LEU A 145 6.80 -8.09 12.77
N GLY A 146 7.65 -8.68 11.94
CA GLY A 146 8.65 -9.63 12.39
C GLY A 146 8.11 -11.06 12.52
N LYS A 147 6.96 -11.33 11.89
CA LYS A 147 6.32 -12.65 11.96
C LYS A 147 6.68 -13.55 10.78
N SER A 148 6.85 -14.85 11.07
CA SER A 148 7.20 -15.87 10.09
C SER A 148 6.10 -16.08 9.07
N ILE A 149 6.47 -16.28 7.80
CA ILE A 149 5.53 -16.73 6.78
C ILE A 149 5.07 -18.16 7.16
N THR A 150 3.80 -18.45 6.87
CA THR A 150 3.17 -19.71 7.14
C THR A 150 2.77 -20.33 5.80
N LEU A 151 2.47 -21.61 5.82
CA LEU A 151 2.02 -22.28 4.64
C LEU A 151 0.71 -21.67 4.13
N ASP A 152 -0.18 -21.26 5.04
CA ASP A 152 -1.40 -20.52 4.64
C ASP A 152 -1.08 -19.34 3.74
N ASP A 153 -0.06 -18.57 4.12
CA ASP A 153 0.43 -17.44 3.27
C ASP A 153 0.72 -17.74 1.80
N GLU A 155 -1.22 -19.46 -0.29
CA GLU A 155 -2.47 -19.57 -1.08
C GLU A 155 -2.52 -18.54 -2.19
N LEU A 156 -2.32 -17.27 -1.82
CA LEU A 156 -2.25 -16.15 -2.77
C LEU A 156 -0.92 -16.13 -3.51
N VAL A 157 0.19 -16.16 -2.75
CA VAL A 157 1.57 -16.03 -3.26
C VAL A 157 1.96 -17.03 -4.35
N ASP A 158 1.62 -18.31 -4.18
CA ASP A 158 2.04 -19.33 -5.15
C ASP A 158 1.09 -20.52 -4.99
N PRO A 159 0.01 -20.56 -5.79
CA PRO A 159 -1.10 -21.42 -5.34
C PRO A 159 -0.83 -22.89 -5.64
N ASP A 160 -0.09 -23.16 -6.71
CA ASP A 160 0.36 -24.51 -7.00
C ASP A 160 1.35 -25.05 -5.96
N LEU A 161 2.27 -24.20 -5.50
CA LEU A 161 3.24 -24.57 -4.46
C LEU A 161 2.52 -24.85 -3.14
N HIS A 162 1.46 -24.09 -2.89
CA HIS A 162 0.65 -24.29 -1.74
C HIS A 162 0.12 -25.72 -1.64
N ASN A 163 -0.50 -26.16 -2.75
CA ASN A 163 -1.02 -27.51 -2.89
C ASN A 163 0.07 -28.58 -2.70
N SER A 164 1.23 -28.36 -3.34
CA SER A 164 2.37 -29.24 -3.22
C SER A 164 2.84 -29.41 -1.80
N LEU A 165 2.87 -28.32 -1.05
CA LEU A 165 3.37 -28.34 0.31
C LEU A 165 2.34 -28.91 1.28
N VAL A 166 1.06 -28.58 1.05
CA VAL A 166 -0.04 -29.14 1.84
C VAL A 166 -0.05 -30.68 1.69
N TRP A 167 0.15 -31.17 0.47
CA TRP A 167 0.24 -32.60 0.18
C TRP A 167 1.42 -33.31 0.85
N ILE A 168 2.57 -32.66 0.85
CA ILE A 168 3.74 -33.15 1.54
C ILE A 168 3.46 -33.38 3.04
N LEU A 169 2.85 -32.40 3.68
CA LEU A 169 2.51 -32.50 5.08
C LEU A 169 1.44 -33.54 5.41
N GLU A 170 0.48 -33.75 4.53
CA GLU A 170 -0.74 -34.49 4.90
C GLU A 170 -0.69 -35.94 4.46
N ASN A 171 0.41 -36.35 3.86
CA ASN A 171 0.48 -37.66 3.25
C ASN A 171 1.89 -38.20 3.45
N ASP A 172 2.03 -39.51 3.50
CA ASP A 172 3.33 -40.13 3.58
C ASP A 172 4.00 -40.10 2.21
N ILE A 173 4.87 -39.13 2.07
CA ILE A 173 5.57 -38.85 0.84
C ILE A 173 6.86 -39.65 0.71
N THR A 174 7.14 -40.56 1.68
CA THR A 174 8.32 -41.40 1.59
C THR A 174 8.40 -42.04 0.21
N GLY A 175 9.52 -41.77 -0.47
CA GLY A 175 9.87 -42.43 -1.72
C GLY A 175 9.45 -41.62 -2.95
N VAL A 176 8.13 -41.48 -3.17
CA VAL A 176 7.60 -40.79 -4.36
C VAL A 176 8.32 -39.43 -4.62
N LEU A 177 8.30 -38.55 -3.62
CA LEU A 177 8.76 -37.18 -3.75
C LEU A 177 10.20 -37.13 -4.30
N ASP A 178 11.12 -37.79 -3.61
CA ASP A 178 12.53 -37.76 -4.00
C ASP A 178 13.11 -36.32 -4.12
N HIS A 179 12.81 -35.45 -3.17
CA HIS A 179 13.47 -34.12 -3.13
C HIS A 179 14.49 -34.02 -2.00
N THR A 180 15.45 -33.08 -2.11
CA THR A 180 16.39 -32.72 -1.05
C THR A 180 16.06 -31.33 -0.45
N PHE A 181 16.82 -30.90 0.55
CA PHE A 181 16.70 -29.54 1.09
C PHE A 181 17.35 -28.46 0.18
N CYS A 182 17.60 -28.82 -1.07
CA CYS A 182 18.09 -27.88 -2.09
C CYS A 182 16.96 -27.63 -3.12
N VAL A 183 16.45 -26.41 -3.16
CA VAL A 183 15.37 -26.04 -4.09
C VAL A 183 15.89 -25.28 -5.32
N GLU A 184 15.29 -25.53 -6.48
CA GLU A 184 15.71 -24.94 -7.77
C GLU A 184 14.78 -23.86 -8.19
N HIS A 185 15.35 -22.78 -8.72
CA HIS A 185 14.57 -21.65 -9.27
CA HIS A 185 14.56 -21.71 -9.32
C HIS A 185 15.24 -21.07 -10.53
N ASN A 186 14.45 -20.65 -11.50
CA ASN A 186 15.00 -20.02 -12.69
C ASN A 186 15.03 -18.51 -12.41
N ALA A 187 16.23 -17.96 -12.35
CA ALA A 187 16.40 -16.53 -12.16
C ALA A 187 17.15 -16.00 -13.39
N TYR A 188 16.58 -15.03 -14.11
CA TYR A 188 17.34 -14.32 -15.19
C TYR A 188 17.86 -15.32 -16.21
N GLY A 189 16.97 -16.22 -16.64
CA GLY A 189 17.32 -17.29 -17.58
C GLY A 189 18.11 -18.50 -17.08
N GLU A 190 18.70 -18.39 -15.88
CA GLU A 190 19.61 -19.38 -15.29
C GLU A 190 18.93 -20.19 -14.13
N ILE A 191 19.09 -21.52 -14.14
CA ILE A 191 18.66 -22.40 -13.02
C ILE A 191 19.58 -22.23 -11.80
N ILE A 192 19.03 -21.76 -10.67
CA ILE A 192 19.82 -21.58 -9.43
C ILE A 192 19.49 -22.68 -8.40
N GLN A 193 20.51 -23.30 -7.80
CA GLN A 193 20.33 -24.29 -6.74
C GLN A 193 20.41 -23.60 -5.39
N HIS A 194 19.29 -23.54 -4.67
CA HIS A 194 19.35 -22.95 -3.37
C HIS A 194 19.13 -23.99 -2.26
N GLU A 195 20.17 -24.18 -1.44
CA GLU A 195 20.07 -24.92 -0.18
C GLU A 195 19.36 -24.16 0.91
N LEU A 196 18.26 -24.75 1.36
CA LEU A 196 17.44 -24.23 2.44
C LEU A 196 18.12 -24.27 3.86
N LYS A 197 19.13 -25.12 4.01
CA LYS A 197 19.91 -25.21 5.25
C LYS A 197 21.28 -25.84 4.94
N PRO A 198 22.27 -25.63 5.83
CA PRO A 198 23.58 -26.23 5.58
C PRO A 198 23.47 -27.69 5.16
N ASN A 199 24.26 -28.05 4.18
CA ASN A 199 24.38 -29.40 3.66
C ASN A 199 23.12 -29.93 2.96
N GLY A 200 22.16 -29.04 2.70
CA GLY A 200 20.95 -29.39 1.97
C GLY A 200 20.92 -30.62 1.06
N LYS A 201 21.95 -31.50 1.09
CA LYS A 201 21.81 -32.94 0.64
C LYS A 201 21.40 -34.00 1.71
N SER A 202 20.36 -33.50 2.35
CA SER A 202 19.51 -34.20 3.24
CA SER A 202 19.51 -34.22 3.24
C SER A 202 18.28 -34.44 2.39
N ILE A 203 17.88 -35.69 2.18
CA ILE A 203 16.62 -35.92 1.45
C ILE A 203 15.44 -35.58 2.40
N PRO A 204 14.39 -34.82 1.98
CA PRO A 204 13.05 -34.87 2.55
C PRO A 204 12.39 -36.23 2.84
N VAL A 205 12.07 -36.40 4.13
CA VAL A 205 11.61 -37.66 4.69
C VAL A 205 10.44 -37.26 5.52
N ASN A 206 9.65 -38.25 5.95
CA ASN A 206 8.52 -37.98 6.83
C ASN A 206 9.11 -37.63 8.16
N GLU A 207 10.28 -38.24 8.36
CA GLU A 207 10.75 -38.73 9.66
C GLU A 207 11.32 -37.49 10.25
N GLU A 208 10.48 -36.50 10.00
CA GLU A 208 10.48 -35.16 10.54
C GLU A 208 11.52 -34.30 9.97
N ASN A 209 11.80 -34.51 8.69
CA ASN A 209 12.38 -33.44 7.87
C ASN A 209 11.24 -32.56 7.47
N LYS A 210 10.14 -33.22 7.10
CA LYS A 210 9.21 -32.60 6.17
C LYS A 210 8.60 -31.31 6.68
N LYS A 211 8.25 -31.25 7.97
CA LYS A 211 7.67 -30.03 8.54
C LYS A 211 8.64 -28.82 8.52
N GLU A 212 9.92 -29.13 8.67
CA GLU A 212 10.98 -28.12 8.65
C GLU A 212 11.25 -27.74 7.20
N TYR A 213 11.11 -28.72 6.30
CA TYR A 213 11.25 -28.46 4.89
C TYR A 213 10.25 -27.41 4.51
N VAL A 214 8.99 -27.61 4.88
CA VAL A 214 7.94 -26.71 4.45
C VAL A 214 8.10 -25.31 5.07
N ARG A 215 8.42 -25.22 6.35
CA ARG A 215 8.64 -23.92 6.98
C ARG A 215 9.82 -23.16 6.35
N LEU A 216 10.92 -23.84 6.07
CA LEU A 216 12.04 -23.18 5.39
C LEU A 216 11.70 -22.80 3.94
N TYR A 217 10.98 -23.66 3.26
CA TYR A 217 10.68 -23.42 1.86
C TYR A 217 9.79 -22.15 1.74
N VAL A 218 8.74 -22.14 2.55
CA VAL A 218 7.73 -21.09 2.57
C VAL A 218 8.35 -19.68 2.82
N ASN A 219 9.26 -19.60 3.79
CA ASN A 219 9.91 -18.33 4.16
C ASN A 219 10.92 -17.92 3.08
N TRP A 220 11.67 -18.88 2.55
CA TRP A 220 12.43 -18.67 1.29
C TRP A 220 11.61 -18.19 0.08
N ARG A 221 10.47 -18.85 -0.20
CA ARG A 221 9.74 -18.52 -1.39
C ARG A 221 9.13 -17.10 -1.32
N PHE A 222 8.68 -16.67 -0.15
CA PHE A 222 7.99 -15.36 -0.11
C PHE A 222 8.88 -14.17 -0.48
N LEU A 223 10.07 -14.08 0.14
CA LEU A 223 10.97 -12.97 -0.11
C LEU A 223 12.02 -13.31 -1.18
N ARG A 224 11.77 -14.37 -1.93
CA ARG A 224 12.69 -14.81 -2.92
C ARG A 224 13.05 -13.70 -3.95
N GLY A 225 14.31 -13.36 -4.11
CA GLY A 225 14.70 -12.29 -5.07
C GLY A 225 14.62 -10.85 -4.54
N ILE A 226 13.94 -10.66 -3.41
CA ILE A 226 13.64 -9.36 -2.82
C ILE A 226 14.02 -9.25 -1.35
N GLU A 227 14.90 -10.16 -0.88
CA GLU A 227 15.28 -10.20 0.54
C GLU A 227 15.95 -8.90 1.03
N ALA A 228 16.96 -8.44 0.31
CA ALA A 228 17.71 -7.28 0.75
C ALA A 228 16.85 -6.02 0.72
N GLN A 229 15.96 -5.92 -0.28
CA GLN A 229 15.07 -4.76 -0.46
C GLN A 229 14.13 -4.69 0.71
N PHE A 230 13.58 -5.85 1.05
CA PHE A 230 12.62 -5.91 2.11
C PHE A 230 13.24 -5.57 3.44
N LEU A 231 14.46 -6.08 3.70
CA LEU A 231 15.15 -5.84 4.94
C LEU A 231 15.40 -4.36 5.17
N ALA A 232 15.84 -3.64 4.13
CA ALA A 232 16.13 -2.19 4.24
C ALA A 232 14.85 -1.43 4.48
N LEU A 233 13.81 -1.79 3.74
CA LEU A 233 12.48 -1.19 3.97
C LEU A 233 12.01 -1.35 5.43
N GLN A 234 12.01 -2.59 5.93
CA GLN A 234 11.62 -2.93 7.28
C GLN A 234 12.48 -2.14 8.28
N LYS A 235 13.78 -2.02 8.02
CA LYS A 235 14.67 -1.25 8.91
C LYS A 235 14.32 0.24 8.94
N GLY A 236 14.09 0.86 7.78
CA GLY A 236 13.58 2.28 7.71
C GLY A 236 12.28 2.41 8.50
N PHE A 237 11.35 1.49 8.27
CA PHE A 237 10.03 1.57 8.94
C PHE A 237 10.16 1.52 10.50
N ASN A 238 10.95 0.57 10.99
CA ASN A 238 11.03 0.35 12.43
C ASN A 238 11.94 1.35 13.14
N GLU A 239 12.77 2.11 12.43
CA GLU A 239 13.45 3.29 13.01
C GLU A 239 12.45 4.37 13.43
N VAL A 240 11.28 4.35 12.80
CA VAL A 240 10.26 5.34 13.10
C VAL A 240 9.22 4.75 14.08
N ILE A 241 8.90 3.47 13.87
CA ILE A 241 7.79 2.81 14.58
C ILE A 241 8.39 1.51 15.09
N PRO A 242 9.01 1.54 16.31
CA PRO A 242 9.68 0.33 16.88
C PRO A 242 8.73 -0.85 16.97
N GLN A 243 9.28 -2.01 16.63
CA GLN A 243 8.52 -3.23 16.54
C GLN A 243 7.82 -3.56 17.87
N HIS A 244 8.43 -3.23 19.01
CA HIS A 244 7.77 -3.54 20.29
C HIS A 244 6.44 -2.84 20.42
N LEU A 245 6.29 -1.64 19.83
CA LEU A 245 5.04 -0.91 19.88
C LEU A 245 3.91 -1.61 19.08
N LEU A 246 4.30 -2.54 18.22
CA LEU A 246 3.35 -3.22 17.31
C LEU A 246 3.01 -4.67 17.68
N LYS A 247 3.46 -5.09 18.86
CA LYS A 247 3.39 -6.50 19.29
C LYS A 247 2.00 -7.08 19.43
N THR A 248 1.00 -6.23 19.66
CA THR A 248 -0.39 -6.67 19.75
C THR A 248 -1.17 -6.63 18.41
N PHE A 249 -0.51 -6.20 17.34
CA PHE A 249 -1.13 -6.13 15.99
C PHE A 249 -0.85 -7.42 15.19
N ASP A 250 -1.81 -7.85 14.38
CA ASP A 250 -1.54 -8.86 13.40
C ASP A 250 -1.46 -8.13 12.03
N GLU A 251 -1.20 -8.88 10.97
CA GLU A 251 -0.95 -8.33 9.64
C GLU A 251 -2.13 -7.59 9.02
N LYS A 252 -3.33 -8.09 9.29
CA LYS A 252 -4.57 -7.47 8.82
C LYS A 252 -4.73 -6.11 9.49
N GLU A 253 -4.49 -6.07 10.79
CA GLU A 253 -4.58 -4.77 11.48
C GLU A 253 -3.50 -3.76 11.06
N LEU A 254 -2.27 -4.22 10.85
CA LEU A 254 -1.22 -3.32 10.35
C LEU A 254 -1.57 -2.81 8.98
N GLU A 255 -2.07 -3.69 8.09
CA GLU A 255 -2.46 -3.24 6.78
C GLU A 255 -3.48 -2.11 6.84
N LEU A 256 -4.49 -2.28 7.69
CA LEU A 256 -5.53 -1.28 7.89
C LEU A 256 -4.98 0.05 8.39
N ILE A 257 -4.04 0.04 9.35
CA ILE A 257 -3.53 1.34 9.78
C ILE A 257 -2.61 2.01 8.78
N ILE A 258 -1.92 1.24 7.97
CA ILE A 258 -1.02 1.79 6.91
C ILE A 258 -1.82 2.31 5.69
N CYS A 259 -2.77 1.54 5.16
CA CYS A 259 -3.49 2.01 3.98
C CYS A 259 -4.99 1.98 4.03
N GLY A 260 -5.59 1.77 5.20
CA GLY A 260 -7.03 1.99 5.29
C GLY A 260 -7.79 0.75 4.85
N LEU A 261 -9.07 0.94 4.53
CA LEU A 261 -10.00 -0.16 4.27
C LEU A 261 -10.15 -0.38 2.77
N GLY A 262 -10.20 -1.62 2.33
CA GLY A 262 -10.44 -1.88 0.90
C GLY A 262 -11.91 -2.15 0.55
N LYS A 263 -12.68 -2.59 1.53
CA LYS A 263 -14.14 -2.70 1.46
C LYS A 263 -14.79 -1.28 1.49
N ILE A 264 -15.41 -0.94 0.37
CA ILE A 264 -16.04 0.35 0.14
C ILE A 264 -17.52 0.32 0.52
N ASP A 265 -17.84 1.08 1.56
CA ASP A 265 -19.25 1.23 2.00
C ASP A 265 -19.90 2.43 1.26
N VAL A 266 -20.79 2.09 0.33
CA VAL A 266 -21.49 3.05 -0.48
C VAL A 266 -22.41 4.03 0.25
N ASN A 267 -22.99 3.59 1.36
CA ASN A 267 -23.72 4.44 2.25
C ASN A 267 -22.85 5.50 2.92
N ASP A 268 -21.70 5.08 3.44
CA ASP A 268 -20.72 6.01 4.02
C ASP A 268 -20.18 7.01 2.97
N TRP A 269 -19.95 6.50 1.76
CA TRP A 269 -19.52 7.29 0.62
C TRP A 269 -20.59 8.36 0.27
N LYS A 270 -21.83 7.91 0.08
CA LYS A 270 -22.94 8.82 -0.26
C LYS A 270 -23.16 9.94 0.73
N VAL A 271 -23.13 9.57 1.98
CA VAL A 271 -23.47 10.45 3.06
C VAL A 271 -22.34 11.51 3.29
N ASN A 272 -21.10 11.18 2.87
CA ASN A 272 -19.96 12.08 2.98
C ASN A 272 -19.47 12.69 1.64
N THR A 273 -20.40 12.99 0.77
CA THR A 273 -20.10 13.53 -0.53
C THR A 273 -20.68 14.96 -0.57
N ARG A 274 -19.87 15.92 -1.00
CA ARG A 274 -20.28 17.25 -1.32
C ARG A 274 -20.69 17.44 -2.79
N LEU A 275 -21.65 18.32 -3.05
CA LEU A 275 -22.17 18.56 -4.42
C LEU A 275 -21.90 19.99 -4.85
N LYS A 276 -21.42 20.20 -6.08
CA LYS A 276 -21.15 21.55 -6.58
CA LYS A 276 -21.14 21.54 -6.60
C LYS A 276 -21.81 21.68 -7.93
N HIS A 277 -22.71 22.66 -8.02
CA HIS A 277 -23.48 22.93 -9.23
C HIS A 277 -24.40 21.81 -9.63
N CYS A 278 -24.83 21.05 -8.60
CA CYS A 278 -25.87 20.06 -8.78
C CYS A 278 -26.46 19.87 -7.38
N THR A 279 -27.72 19.50 -7.33
CA THR A 279 -28.43 19.41 -6.06
C THR A 279 -28.63 17.92 -5.72
N PRO A 280 -28.95 17.65 -4.44
CA PRO A 280 -29.20 16.28 -3.96
C PRO A 280 -30.22 15.52 -4.77
N ASP A 281 -31.20 16.24 -5.34
CA ASP A 281 -32.27 15.62 -6.06
C ASP A 281 -32.12 15.60 -7.56
N SER A 282 -31.03 16.14 -8.08
CA SER A 282 -30.86 16.21 -9.52
C SER A 282 -30.58 14.84 -10.11
N ASN A 283 -30.85 14.71 -11.42
CA ASN A 283 -30.65 13.48 -12.20
C ASN A 283 -29.22 13.03 -12.21
N ILE A 284 -28.29 13.94 -12.42
CA ILE A 284 -26.90 13.58 -12.51
C ILE A 284 -26.38 12.92 -11.20
N VAL A 285 -26.88 13.37 -10.05
CA VAL A 285 -26.48 12.86 -8.77
C VAL A 285 -27.18 11.51 -8.55
N LYS A 286 -28.48 11.42 -8.90
CA LYS A 286 -29.25 10.18 -8.80
C LYS A 286 -28.56 9.14 -9.63
N TRP A 287 -28.26 9.50 -10.87
CA TRP A 287 -27.66 8.54 -11.83
C TRP A 287 -26.26 8.11 -11.45
N PHE A 288 -25.46 9.06 -10.96
CA PHE A 288 -24.10 8.70 -10.43
C PHE A 288 -24.23 7.60 -9.37
N TRP A 289 -25.10 7.75 -8.39
CA TRP A 289 -25.18 6.74 -7.32
C TRP A 289 -25.78 5.41 -7.78
N LYS A 290 -26.70 5.50 -8.73
CA LYS A 290 -27.27 4.28 -9.33
C LYS A 290 -26.16 3.46 -10.00
N ALA A 291 -25.23 4.14 -10.67
CA ALA A 291 -24.16 3.47 -11.30
C ALA A 291 -23.24 2.83 -10.28
N VAL A 292 -22.85 3.60 -9.27
CA VAL A 292 -22.07 3.10 -8.14
C VAL A 292 -22.73 1.90 -7.49
N GLU A 293 -24.04 1.92 -7.27
CA GLU A 293 -24.73 0.75 -6.68
C GLU A 293 -24.57 -0.51 -7.58
N PHE A 294 -24.63 -0.32 -8.88
CA PHE A 294 -24.48 -1.46 -9.81
C PHE A 294 -23.02 -1.95 -9.92
N PHE A 295 -22.08 -0.99 -9.92
CA PHE A 295 -20.65 -1.30 -9.96
C PHE A 295 -20.29 -2.34 -8.88
N ASP A 296 -19.59 -3.39 -9.29
CA ASP A 296 -19.04 -4.39 -8.38
C ASP A 296 -17.85 -3.81 -7.65
N GLU A 297 -17.29 -4.59 -6.73
CA GLU A 297 -16.16 -4.13 -5.91
C GLU A 297 -14.94 -3.68 -6.73
N GLU A 298 -14.58 -4.38 -7.81
CA GLU A 298 -13.47 -3.87 -8.65
C GLU A 298 -13.80 -2.54 -9.33
N ARG A 299 -15.01 -2.40 -9.89
CA ARG A 299 -15.40 -1.15 -10.46
C ARG A 299 -15.42 -0.03 -9.44
N ARG A 300 -15.86 -0.30 -8.23
CA ARG A 300 -15.85 0.77 -7.19
C ARG A 300 -14.44 1.20 -6.79
N ALA A 301 -13.56 0.21 -6.64
CA ALA A 301 -12.12 0.40 -6.43
C ALA A 301 -11.49 1.24 -7.56
N ARG A 302 -11.79 0.91 -8.84
CA ARG A 302 -11.35 1.75 -9.95
C ARG A 302 -11.93 3.16 -9.94
N LEU A 303 -13.24 3.29 -9.62
CA LEU A 303 -13.79 4.63 -9.49
C LEU A 303 -13.14 5.46 -8.40
N LEU A 304 -13.03 4.90 -7.19
CA LEU A 304 -12.40 5.60 -6.03
C LEU A 304 -10.97 6.00 -6.40
N GLN A 305 -10.22 5.07 -6.98
CA GLN A 305 -8.87 5.38 -7.46
C GLN A 305 -8.85 6.50 -8.50
N PHE A 306 -9.76 6.43 -9.49
CA PHE A 306 -9.85 7.47 -10.53
C PHE A 306 -9.94 8.90 -9.91
N VAL A 307 -10.84 9.05 -8.92
CA VAL A 307 -11.23 10.34 -8.42
C VAL A 307 -10.26 10.85 -7.34
N THR A 308 -9.68 9.93 -6.57
CA THR A 308 -8.91 10.28 -5.39
C THR A 308 -7.43 9.84 -5.38
N GLY A 309 -7.03 8.97 -6.32
CA GLY A 309 -5.63 8.56 -6.38
C GLY A 309 -5.44 7.28 -5.59
N SER A 310 -6.42 6.89 -4.75
CA SER A 310 -6.35 5.65 -4.00
C SER A 310 -7.65 4.80 -4.04
N SER A 311 -7.51 3.49 -3.92
CA SER A 311 -8.73 2.65 -3.97
C SER A 311 -9.25 2.26 -2.58
N ARG A 312 -8.60 2.79 -1.53
CA ARG A 312 -8.90 2.44 -0.16
C ARG A 312 -9.40 3.69 0.57
N VAL A 313 -9.98 3.45 1.74
CA VAL A 313 -10.60 4.58 2.46
C VAL A 313 -10.03 4.67 3.88
N PRO A 314 -9.91 5.87 4.44
CA PRO A 314 -9.44 5.95 5.83
C PRO A 314 -10.20 5.05 6.79
N LEU A 315 -9.57 4.57 7.87
CA LEU A 315 -10.31 3.78 8.89
C LEU A 315 -11.51 4.53 9.45
N GLN A 316 -11.36 5.85 9.53
CA GLN A 316 -12.40 6.73 10.04
C GLN A 316 -13.60 6.86 9.06
N GLY A 317 -13.45 6.32 7.86
CA GLY A 317 -14.47 6.40 6.81
C GLY A 317 -14.30 7.58 5.87
N PHE A 318 -15.23 7.69 4.93
CA PHE A 318 -15.25 8.79 3.97
C PHE A 318 -15.28 10.23 4.56
N LYS A 319 -15.73 10.39 5.79
CA LYS A 319 -15.66 11.76 6.39
C LYS A 319 -14.22 12.23 6.55
N ALA A 320 -13.32 11.24 6.60
CA ALA A 320 -11.89 11.52 6.76
C ALA A 320 -11.13 11.45 5.45
N LEU A 321 -11.82 11.48 4.30
CA LEU A 321 -11.12 11.39 3.02
C LEU A 321 -10.10 12.56 2.90
N GLN A 322 -8.92 12.19 2.42
CA GLN A 322 -7.69 13.01 2.36
C GLN A 322 -7.54 13.67 1.02
N GLY A 323 -7.46 14.99 1.01
CA GLY A 323 -6.97 15.74 -0.16
C GLY A 323 -5.46 16.00 -0.01
N ALA A 324 -4.79 16.59 -1.03
CA ALA A 324 -3.32 16.84 -0.95
C ALA A 324 -2.94 17.59 0.32
N ALA A 325 -3.64 18.69 0.65
CA ALA A 325 -3.41 19.37 1.92
C ALA A 325 -4.63 19.28 2.86
N GLY A 326 -4.77 18.16 3.57
CA GLY A 326 -5.83 18.01 4.55
C GLY A 326 -7.12 17.34 4.09
N PRO A 327 -8.10 17.24 5.01
CA PRO A 327 -9.38 16.57 4.70
C PRO A 327 -10.12 17.24 3.54
N ARG A 328 -10.53 16.44 2.55
CA ARG A 328 -11.40 16.95 1.46
C ARG A 328 -12.41 15.85 1.16
N LEU A 329 -13.70 16.15 1.34
CA LEU A 329 -14.71 15.19 1.06
C LEU A 329 -14.80 14.94 -0.45
N PHE A 330 -15.18 13.72 -0.80
CA PHE A 330 -15.52 13.37 -2.15
C PHE A 330 -16.51 14.37 -2.69
N THR A 331 -16.23 14.91 -3.86
CA THR A 331 -17.06 15.96 -4.44
C THR A 331 -17.46 15.63 -5.89
N ILE A 332 -18.74 15.79 -6.19
CA ILE A 332 -19.26 15.72 -7.56
C ILE A 332 -19.56 17.14 -8.01
N HIS A 333 -18.91 17.55 -9.10
CA HIS A 333 -19.04 18.87 -9.62
C HIS A 333 -19.64 18.73 -10.98
N GLN A 334 -20.83 19.26 -11.16
CA GLN A 334 -21.41 19.22 -12.47
C GLN A 334 -20.84 20.44 -13.26
N ILE A 335 -20.30 20.17 -14.45
CA ILE A 335 -19.62 21.21 -15.24
C ILE A 335 -20.34 21.48 -16.55
N ASP A 336 -20.18 22.70 -17.08
CA ASP A 336 -20.70 23.05 -18.38
C ASP A 336 -19.71 22.56 -19.42
N ALA A 337 -19.81 21.29 -19.81
CA ALA A 337 -18.93 20.77 -20.82
C ALA A 337 -19.74 19.96 -21.80
N CYS A 338 -19.16 19.72 -22.98
CA CYS A 338 -19.72 18.83 -23.99
C CYS A 338 -20.03 17.45 -23.37
N THR A 339 -21.23 16.93 -23.64
CA THR A 339 -21.64 15.63 -23.09
C THR A 339 -21.01 14.38 -23.79
N ASN A 340 -20.18 14.59 -24.82
CA ASN A 340 -19.38 13.51 -25.36
C ASN A 340 -18.17 13.27 -24.46
N ASN A 341 -17.79 14.27 -23.67
CA ASN A 341 -16.64 14.18 -22.76
C ASN A 341 -16.81 13.13 -21.67
N LEU A 342 -15.70 12.58 -21.19
CA LEU A 342 -15.68 11.65 -20.06
C LEU A 342 -15.63 12.49 -18.80
N PRO A 343 -16.05 11.91 -17.64
CA PRO A 343 -15.71 12.59 -16.37
C PRO A 343 -14.19 12.82 -16.26
N LYS A 344 -13.82 13.93 -15.59
CA LYS A 344 -12.43 14.30 -15.31
C LYS A 344 -12.27 14.35 -13.79
N ALA A 345 -11.19 13.81 -13.27
CA ALA A 345 -10.90 13.87 -11.86
C ALA A 345 -9.78 14.87 -11.52
N HIS A 346 -9.82 15.35 -10.29
CA HIS A 346 -8.75 16.11 -9.69
C HIS A 346 -8.49 15.44 -8.39
N THR A 347 -7.52 14.57 -8.42
CA THR A 347 -7.29 13.68 -7.29
C THR A 347 -6.86 14.44 -6.02
N CYS A 348 -6.19 15.59 -6.20
CA CYS A 348 -5.79 16.43 -5.04
C CYS A 348 -6.97 16.93 -4.18
N PHE A 349 -8.17 16.96 -4.77
CA PHE A 349 -9.38 17.55 -4.20
C PHE A 349 -10.51 16.50 -4.14
N ASN A 350 -10.18 15.23 -4.49
CA ASN A 350 -11.18 14.14 -4.48
C ASN A 350 -12.44 14.60 -5.21
N ARG A 351 -12.25 15.25 -6.34
CA ARG A 351 -13.35 15.85 -7.04
C ARG A 351 -13.50 15.18 -8.40
N ILE A 352 -14.75 14.96 -8.79
CA ILE A 352 -15.03 14.47 -10.15
C ILE A 352 -15.91 15.45 -10.87
N ASP A 353 -15.50 15.87 -12.07
CA ASP A 353 -16.25 16.79 -12.92
C ASP A 353 -17.05 16.06 -13.99
N ILE A 354 -18.34 16.31 -14.01
CA ILE A 354 -19.25 15.49 -14.75
C ILE A 354 -20.03 16.42 -15.63
N PRO A 355 -20.00 16.21 -16.96
CA PRO A 355 -20.84 16.97 -17.88
C PRO A 355 -22.37 16.68 -17.65
N PRO A 356 -23.26 17.55 -18.15
CA PRO A 356 -24.70 17.23 -17.92
C PRO A 356 -25.28 16.14 -18.85
N TYR A 357 -24.81 14.90 -18.70
CA TYR A 357 -25.27 13.74 -19.51
C TYR A 357 -26.77 13.60 -19.50
N GLU A 358 -27.29 13.12 -20.63
CA GLU A 358 -28.75 13.22 -20.92
C GLU A 358 -29.60 12.05 -20.40
N SER A 359 -28.94 10.96 -19.97
CA SER A 359 -29.63 9.81 -19.41
C SER A 359 -28.66 9.08 -18.51
N TYR A 360 -29.19 8.22 -17.65
CA TYR A 360 -28.43 7.29 -16.84
C TYR A 360 -27.54 6.44 -17.69
N GLU A 361 -28.05 5.93 -18.80
CA GLU A 361 -27.30 4.99 -19.55
C GLU A 361 -26.05 5.69 -20.07
N LYS A 362 -26.20 6.93 -20.51
CA LYS A 362 -25.03 7.71 -20.97
C LYS A 362 -24.00 7.97 -19.84
N LEU A 363 -24.49 8.45 -18.69
CA LEU A 363 -23.62 8.58 -17.53
C LEU A 363 -22.92 7.29 -17.17
N TYR A 364 -23.70 6.21 -17.04
CA TYR A 364 -23.14 4.90 -16.74
C TYR A 364 -21.99 4.49 -17.68
N GLU A 365 -22.24 4.62 -18.99
CA GLU A 365 -21.23 4.20 -19.95
C GLU A 365 -20.01 5.08 -19.97
N LYS A 366 -20.19 6.40 -19.88
CA LYS A 366 -19.03 7.35 -19.92
C LYS A 366 -18.18 7.17 -18.71
N LEU A 367 -18.83 6.86 -17.58
CA LEU A 367 -18.13 6.66 -16.31
C LEU A 367 -17.31 5.37 -16.36
N LEU A 368 -17.88 4.34 -16.95
CA LEU A 368 -17.10 3.10 -17.14
C LEU A 368 -15.94 3.33 -18.08
N THR A 369 -16.18 4.00 -19.20
CA THR A 369 -15.03 4.27 -20.13
C THR A 369 -13.86 5.02 -19.40
N ALA A 370 -14.20 5.93 -18.50
CA ALA A 370 -13.18 6.74 -17.81
C ALA A 370 -12.35 5.92 -16.87
N ILE A 371 -12.97 4.95 -16.19
CA ILE A 371 -12.32 4.28 -15.07
C ILE A 371 -11.70 2.92 -15.41
N GLU A 372 -12.12 2.31 -16.52
CA GLU A 372 -11.50 1.05 -16.96
C GLU A 372 -10.18 1.38 -17.75
N GLU A 373 -9.19 0.47 -17.77
CA GLU A 373 -8.03 0.51 -18.75
C GLU A 373 -6.63 0.54 -18.10
#